data_7HJ5
#
_entry.id   7HJ5
#
_cell.length_a   26.083
_cell.length_b   46.964
_cell.length_c   46.499
_cell.angle_alpha   90.000
_cell.angle_beta   103.070
_cell.angle_gamma   90.000
#
_symmetry.space_group_name_H-M   'P 1 21 1'
#
loop_
_entity.id
_entity.type
_entity.pdbx_description
1 polymer 'De novo designed ABLE protein'
2 non-polymer 6-amino-2H-chromen-2-one
3 water water
#
_entity_poly.entity_id   1
_entity_poly.type   'polypeptide(L)'
_entity_poly.pdbx_seq_one_letter_code
;SVKSEYAEAAAVGQEAVAVFNTMKAAFQNGDKEAVAQYLARLASLYTRHEELLNRILEKARREGNKEAVTLMNEFTATFQ
TGKSIFNAMVAAFKNGDDDSFESYLQALEKVTAKGETLADQIAKAL
;
_entity_poly.pdbx_strand_id   A
#
# COMPACT_ATOMS: atom_id res chain seq x y z
N SER A 1 -3.32 20.93 6.28
N SER A 1 -2.94 21.28 5.92
CA SER A 1 -3.86 21.03 4.91
CA SER A 1 -3.87 21.14 4.77
C SER A 1 -4.05 19.63 4.35
C SER A 1 -4.02 19.70 4.33
N VAL A 2 -4.90 19.50 3.34
CA VAL A 2 -5.05 18.19 2.74
C VAL A 2 -3.72 17.77 2.10
N LYS A 3 -2.92 18.73 1.63
N LYS A 3 -2.94 18.74 1.62
CA LYS A 3 -1.63 18.39 1.06
CA LYS A 3 -1.67 18.42 0.97
C LYS A 3 -0.69 17.80 2.11
C LYS A 3 -0.66 17.88 1.98
N SER A 4 -0.62 18.43 3.29
N SER A 4 -0.65 18.42 3.21
CA SER A 4 0.23 17.89 4.35
CA SER A 4 0.22 17.86 4.23
C SER A 4 -0.31 16.56 4.88
C SER A 4 -0.30 16.52 4.74
N GLU A 5 -1.61 16.36 4.82
CA GLU A 5 -2.17 15.08 5.19
C GLU A 5 -1.79 14.01 4.16
N TYR A 6 -1.71 14.37 2.87
CA TYR A 6 -1.28 13.39 1.88
C TYR A 6 0.20 13.04 2.05
N ALA A 7 1.03 14.00 2.39
CA ALA A 7 2.45 13.70 2.67
C ALA A 7 2.60 12.75 3.86
N GLU A 8 1.75 12.91 4.88
N GLU A 8 1.73 12.91 4.87
CA GLU A 8 1.75 11.96 5.97
CA GLU A 8 1.75 12.05 6.04
C GLU A 8 1.33 10.56 5.48
C GLU A 8 1.23 10.65 5.72
N ALA A 9 0.31 10.51 4.63
N ALA A 9 0.22 10.56 4.85
CA ALA A 9 -0.08 9.26 4.00
CA ALA A 9 -0.28 9.26 4.44
C ALA A 9 1.05 8.69 3.15
C ALA A 9 0.74 8.53 3.58
N ALA A 10 1.76 9.56 2.42
N ALA A 10 1.42 9.26 2.69
CA ALA A 10 2.87 9.08 1.61
CA ALA A 10 2.42 8.63 1.83
C ALA A 10 3.94 8.43 2.48
C ALA A 10 3.58 8.05 2.65
N ALA A 11 4.17 8.96 3.68
N ALA A 11 4.02 8.78 3.67
CA ALA A 11 5.16 8.38 4.56
CA ALA A 11 5.11 8.25 4.49
C ALA A 11 4.75 6.98 5.00
C ALA A 11 4.67 6.99 5.24
N VAL A 12 3.51 6.82 5.45
N VAL A 12 3.39 6.92 5.60
CA VAL A 12 3.03 5.49 5.84
CA VAL A 12 2.86 5.68 6.18
C VAL A 12 3.21 4.53 4.67
C VAL A 12 2.90 4.55 5.15
N GLY A 13 2.88 4.97 3.45
N GLY A 13 2.59 4.86 3.89
CA GLY A 13 3.12 4.13 2.27
CA GLY A 13 2.67 3.85 2.85
C GLY A 13 4.57 3.68 2.14
C GLY A 13 4.10 3.42 2.56
N GLN A 14 5.52 4.59 2.39
N GLN A 14 5.04 4.38 2.60
CA GLN A 14 6.93 4.21 2.34
CA GLN A 14 6.44 4.02 2.38
C GLN A 14 7.33 3.29 3.49
C GLN A 14 7.00 3.20 3.54
N GLU A 15 6.72 3.43 4.67
N GLU A 15 6.44 3.35 4.74
CA GLU A 15 6.97 2.48 5.75
CA GLU A 15 6.83 2.48 5.83
C GLU A 15 6.59 1.07 5.30
C GLU A 15 6.37 1.05 5.61
N ALA A 16 5.42 0.92 4.70
N ALA A 16 5.22 0.87 4.95
CA ALA A 16 5.02 -0.39 4.21
CA ALA A 16 4.81 -0.48 4.59
C ALA A 16 5.97 -0.89 3.15
C ALA A 16 5.74 -1.06 3.53
N VAL A 17 6.51 -0.01 2.32
N VAL A 17 6.13 -0.25 2.54
CA VAL A 17 7.52 -0.45 1.36
CA VAL A 17 7.07 -0.74 1.52
C VAL A 17 8.73 -1.04 2.10
C VAL A 17 8.37 -1.17 2.16
N ALA A 18 9.18 -0.36 3.15
N ALA A 18 8.88 -0.38 3.10
CA ALA A 18 10.36 -0.85 3.85
CA ALA A 18 10.09 -0.76 3.82
C ALA A 18 10.09 -2.17 4.56
C ALA A 18 9.94 -2.14 4.44
N VAL A 19 8.94 -2.28 5.22
N VAL A 19 8.93 -2.31 5.27
CA VAL A 19 8.61 -3.50 5.95
CA VAL A 19 8.73 -3.57 5.98
C VAL A 19 8.39 -4.66 4.97
C VAL A 19 8.49 -4.69 4.98
N PHE A 20 7.83 -4.37 3.80
N PHE A 20 7.70 -4.43 3.94
CA PHE A 20 7.61 -5.39 2.79
CA PHE A 20 7.48 -5.41 2.88
C PHE A 20 8.94 -5.97 2.30
C PHE A 20 8.80 -5.93 2.32
N ASN A 21 9.84 -5.10 1.85
N ASN A 21 9.84 -5.09 2.29
CA ASN A 21 11.11 -5.60 1.35
CA ASN A 21 11.11 -5.54 1.74
C ASN A 21 11.83 -6.42 2.41
C ASN A 21 11.90 -6.37 2.73
N THR A 22 11.75 -6.01 3.67
N THR A 22 11.89 -6.03 4.02
CA THR A 22 12.33 -6.81 4.74
CA THR A 22 12.51 -6.93 5.00
C THR A 22 11.64 -8.18 4.84
C THR A 22 11.70 -8.21 5.17
N MET A 23 10.30 -8.18 4.82
N MET A 23 10.43 -8.19 4.79
CA MET A 23 9.53 -9.41 4.88
CA MET A 23 9.62 -9.40 4.77
C MET A 23 9.86 -10.34 3.70
C MET A 23 10.06 -10.33 3.64
N LYS A 24 10.09 -9.76 2.52
N LYS A 24 10.15 -9.78 2.41
CA LYS A 24 10.49 -10.55 1.38
CA LYS A 24 10.53 -10.58 1.25
C LYS A 24 11.79 -11.30 1.67
C LYS A 24 11.89 -11.23 1.44
N ALA A 25 12.79 -10.57 2.19
CA ALA A 25 14.05 -11.21 2.53
C ALA A 25 13.86 -12.34 3.52
N ALA A 26 13.05 -12.12 4.56
CA ALA A 26 12.78 -13.16 5.55
C ALA A 26 12.12 -14.38 4.91
N PHE A 27 11.17 -14.17 4.02
CA PHE A 27 10.53 -15.26 3.30
C PHE A 27 11.56 -16.06 2.52
N GLN A 28 12.39 -15.36 1.74
CA GLN A 28 13.39 -16.09 0.97
C GLN A 28 14.29 -16.88 1.89
N ASN A 29 14.64 -16.34 3.06
CA ASN A 29 15.51 -17.05 4.00
C ASN A 29 14.83 -18.14 4.79
N GLY A 30 13.51 -18.25 4.73
CA GLY A 30 12.81 -19.27 5.48
C GLY A 30 12.54 -18.96 6.93
N ASP A 31 12.65 -17.68 7.33
CA ASP A 31 12.48 -17.23 8.71
C ASP A 31 10.99 -16.93 8.88
N LYS A 32 10.20 -18.00 9.07
CA LYS A 32 8.75 -17.86 9.07
C LYS A 32 8.27 -17.09 10.28
N GLU A 33 8.98 -17.17 11.40
N GLU A 33 8.96 -17.20 11.41
CA GLU A 33 8.58 -16.40 12.58
CA GLU A 33 8.60 -16.41 12.59
C GLU A 33 8.69 -14.91 12.34
C GLU A 33 8.66 -14.92 12.27
N ALA A 34 9.73 -14.49 11.61
CA ALA A 34 9.84 -13.10 11.22
C ALA A 34 8.75 -12.74 10.23
N VAL A 35 8.54 -13.58 9.22
CA VAL A 35 7.50 -13.28 8.23
C VAL A 35 6.16 -13.02 8.91
N ALA A 36 5.77 -13.89 9.84
CA ALA A 36 4.48 -13.69 10.50
C ALA A 36 4.38 -12.32 11.17
N GLN A 37 5.43 -11.90 11.86
CA GLN A 37 5.40 -10.61 12.50
C GLN A 37 5.34 -9.47 11.48
N TYR A 38 6.14 -9.55 10.41
CA TYR A 38 6.09 -8.51 9.39
C TYR A 38 4.72 -8.44 8.73
N LEU A 39 4.08 -9.59 8.49
CA LEU A 39 2.74 -9.56 7.92
C LEU A 39 1.73 -8.86 8.84
N ALA A 40 1.85 -9.07 10.16
CA ALA A 40 0.98 -8.36 11.09
C ALA A 40 1.26 -6.87 11.06
N ARG A 41 2.53 -6.49 11.00
CA ARG A 41 2.91 -5.09 10.93
C ARG A 41 2.38 -4.46 9.65
N LEU A 42 2.50 -5.17 8.53
CA LEU A 42 1.98 -4.67 7.26
C LEU A 42 0.46 -4.49 7.29
N ALA A 43 -0.27 -5.46 7.87
N ALA A 43 -0.27 -5.41 7.95
CA ALA A 43 -1.72 -5.33 7.92
CA ALA A 43 -1.71 -5.21 8.06
C ALA A 43 -2.13 -4.06 8.65
C ALA A 43 -2.02 -3.89 8.77
N SER A 44 -1.49 -3.78 9.78
N SER A 44 -1.30 -3.58 9.84
CA SER A 44 -1.76 -2.54 10.49
CA SER A 44 -1.56 -2.36 10.58
C SER A 44 -1.44 -1.33 9.62
C SER A 44 -1.24 -1.12 9.76
N LEU A 45 -0.29 -1.34 8.95
N LEU A 45 -0.17 -1.17 8.97
CA LEU A 45 0.09 -0.21 8.12
CA LEU A 45 0.23 -0.02 8.15
C LEU A 45 -0.90 0.03 6.99
C LEU A 45 -0.71 0.16 6.96
N TYR A 46 -1.27 -1.02 6.25
N TYR A 46 -1.07 -0.94 6.30
CA TYR A 46 -2.23 -0.83 5.17
CA TYR A 46 -2.02 -0.85 5.21
C TYR A 46 -3.58 -0.36 5.69
C TYR A 46 -3.38 -0.38 5.72
N THR A 47 -3.97 -0.79 6.89
N THR A 47 -3.89 -1.01 6.79
CA THR A 47 -5.22 -0.27 7.45
CA THR A 47 -5.18 -0.59 7.34
C THR A 47 -5.12 1.24 7.69
C THR A 47 -5.21 0.90 7.62
N ARG A 48 -3.97 1.69 8.21
N ARG A 48 -4.18 1.41 8.31
CA ARG A 48 -3.75 3.11 8.43
CA ARG A 48 -4.11 2.83 8.63
C ARG A 48 -3.67 3.87 7.11
C ARG A 48 -4.08 3.66 7.36
N HIS A 49 -2.95 3.33 6.14
N HIS A 49 -3.20 3.30 6.41
CA HIS A 49 -2.84 4.02 4.86
CA HIS A 49 -3.11 4.03 5.15
C HIS A 49 -4.20 4.21 4.22
C HIS A 49 -4.47 4.07 4.44
N GLU A 50 -4.99 3.12 4.14
N GLU A 50 -5.22 2.97 4.51
CA GLU A 50 -6.32 3.17 3.52
CA GLU A 50 -6.55 2.92 3.90
C GLU A 50 -7.17 4.27 4.17
C GLU A 50 -7.47 3.98 4.49
N GLU A 51 -7.09 4.40 5.49
N GLU A 51 -7.50 4.07 5.82
CA GLU A 51 -7.95 5.36 6.18
CA GLU A 51 -8.35 5.07 6.47
C GLU A 51 -7.54 6.79 5.85
C GLU A 51 -7.89 6.48 6.15
N LEU A 52 -6.23 7.07 5.89
N LEU A 52 -6.58 6.72 6.13
CA LEU A 52 -5.74 8.39 5.50
CA LEU A 52 -6.07 8.05 5.86
C LEU A 52 -6.10 8.72 4.06
C LEU A 52 -6.40 8.49 4.43
N LEU A 53 -6.10 7.71 3.18
N LEU A 53 -6.18 7.62 3.45
CA LEU A 53 -6.51 7.95 1.80
CA LEU A 53 -6.46 7.97 2.06
C LEU A 53 -8.00 8.25 1.72
C LEU A 53 -7.93 8.31 1.85
N ASN A 54 -8.82 7.58 2.53
CA ASN A 54 -10.26 7.87 2.44
C ASN A 54 -10.56 9.27 2.94
N ARG A 55 -9.93 9.66 4.05
CA ARG A 55 -10.16 11.02 4.56
C ARG A 55 -9.71 12.06 3.56
N ILE A 56 -8.60 11.81 2.87
CA ILE A 56 -8.10 12.75 1.86
C ILE A 56 -9.08 12.84 0.69
N LEU A 57 -9.57 11.70 0.20
CA LEU A 57 -10.53 11.72 -0.89
C LEU A 57 -11.78 12.47 -0.47
N GLU A 58 -12.31 12.16 0.69
CA GLU A 58 -13.51 12.86 1.17
C GLU A 58 -13.30 14.36 1.28
N LYS A 59 -12.12 14.78 1.76
CA LYS A 59 -11.82 16.21 1.86
C LYS A 59 -11.73 16.86 0.49
N ALA A 60 -11.02 16.21 -0.45
CA ALA A 60 -10.95 16.76 -1.80
C ALA A 60 -12.34 16.91 -2.40
N ARG A 61 -13.25 15.96 -2.12
CA ARG A 61 -14.63 16.08 -2.59
C ARG A 61 -15.31 17.28 -1.96
N ARG A 62 -15.15 17.45 -0.65
CA ARG A 62 -15.83 18.58 0.00
C ARG A 62 -15.27 19.91 -0.50
N GLU A 63 -13.99 19.93 -0.89
CA GLU A 63 -13.33 21.10 -1.44
C GLU A 63 -13.68 21.37 -2.88
N GLY A 64 -14.34 20.42 -3.56
CA GLY A 64 -14.66 20.55 -4.97
C GLY A 64 -13.46 20.46 -5.90
N ASN A 65 -12.40 19.76 -5.48
CA ASN A 65 -11.16 19.69 -6.25
C ASN A 65 -11.29 18.52 -7.22
N LYS A 66 -11.98 18.79 -8.33
CA LYS A 66 -12.37 17.72 -9.25
C LYS A 66 -11.17 16.89 -9.71
N GLU A 67 -10.07 17.55 -10.09
CA GLU A 67 -8.94 16.76 -10.60
C GLU A 67 -8.37 15.88 -9.51
N ALA A 68 -8.22 16.38 -8.29
CA ALA A 68 -7.71 15.55 -7.22
C ALA A 68 -8.66 14.40 -6.91
N VAL A 69 -9.97 14.62 -7.01
CA VAL A 69 -10.93 13.55 -6.77
C VAL A 69 -10.79 12.45 -7.82
N THR A 70 -10.66 12.84 -9.09
CA THR A 70 -10.48 11.87 -10.16
C THR A 70 -9.27 10.98 -9.87
N LEU A 71 -8.13 11.62 -9.60
CA LEU A 71 -6.90 10.89 -9.34
C LEU A 71 -7.02 10.00 -8.11
N MET A 72 -7.60 10.53 -7.03
CA MET A 72 -7.76 9.74 -5.82
C MET A 72 -8.74 8.59 -6.01
N ASN A 73 -9.80 8.77 -6.80
CA ASN A 73 -10.65 7.62 -7.12
C ASN A 73 -9.87 6.53 -7.84
N GLU A 74 -9.05 6.91 -8.83
CA GLU A 74 -8.22 5.92 -9.51
C GLU A 74 -7.24 5.28 -8.54
N PHE A 75 -6.61 6.08 -7.70
CA PHE A 75 -5.58 5.55 -6.81
C PHE A 75 -6.16 4.63 -5.75
N THR A 76 -7.31 4.98 -5.16
N THR A 76 -7.29 5.02 -5.14
CA THR A 76 -7.87 4.10 -4.13
CA THR A 76 -7.98 4.18 -4.18
C THR A 76 -8.32 2.77 -4.74
C THR A 76 -8.54 2.92 -4.83
N ALA A 77 -8.94 2.79 -5.92
N ALA A 77 -8.63 2.89 -6.16
CA ALA A 77 -9.32 1.55 -6.56
CA ALA A 77 -8.97 1.67 -6.88
C ALA A 77 -8.11 0.64 -6.70
C ALA A 77 -7.77 0.73 -6.96
N THR A 78 -6.99 1.19 -7.16
N THR A 78 -6.59 1.27 -7.22
CA THR A 78 -5.77 0.39 -7.30
CA THR A 78 -5.35 0.49 -7.17
C THR A 78 -5.25 -0.07 -5.94
C THR A 78 -5.07 -0.02 -5.75
N PHE A 79 -5.26 0.83 -4.94
N PHE A 79 -5.50 0.73 -4.73
CA PHE A 79 -4.89 0.43 -3.60
CA PHE A 79 -5.30 0.31 -3.34
C PHE A 79 -5.62 -0.86 -3.18
C PHE A 79 -6.11 -0.95 -3.03
N GLN A 80 -6.91 -0.97 -3.52
N GLN A 80 -7.34 -1.03 -3.55
CA GLN A 80 -7.67 -2.16 -3.14
CA GLN A 80 -8.15 -2.21 -3.29
C GLN A 80 -7.21 -3.40 -3.91
C GLN A 80 -7.63 -3.44 -4.03
N THR A 81 -6.71 -3.25 -5.13
N THR A 81 -6.98 -3.25 -5.19
CA THR A 81 -6.09 -4.38 -5.80
CA THR A 81 -6.24 -4.34 -5.81
C THR A 81 -4.84 -4.84 -5.05
C THR A 81 -5.20 -4.91 -4.85
N GLY A 82 -4.04 -3.89 -4.58
N GLY A 82 -4.33 -4.03 -4.33
CA GLY A 82 -2.91 -4.25 -3.73
CA GLY A 82 -3.32 -4.47 -3.37
C GLY A 82 -3.38 -4.93 -2.45
C GLY A 82 -3.93 -5.19 -2.19
N LYS A 83 -4.43 -4.40 -1.82
N LYS A 83 -5.03 -4.64 -1.66
CA LYS A 83 -4.94 -4.98 -0.59
CA LYS A 83 -5.68 -5.23 -0.51
C LYS A 83 -5.44 -6.40 -0.80
C LYS A 83 -6.09 -6.68 -0.80
N SER A 84 -6.15 -6.66 -1.91
N SER A 84 -6.79 -6.91 -1.92
CA SER A 84 -6.63 -8.01 -2.18
CA SER A 84 -7.25 -8.26 -2.23
C SER A 84 -5.46 -8.98 -2.38
C SER A 84 -6.07 -9.21 -2.39
N ILE A 85 -4.43 -8.55 -3.11
N ILE A 85 -5.01 -8.78 -3.08
CA ILE A 85 -3.29 -9.42 -3.34
CA ILE A 85 -3.85 -9.64 -3.25
C ILE A 85 -2.53 -9.65 -2.04
C ILE A 85 -3.11 -9.81 -1.94
N PHE A 86 -2.44 -8.63 -1.18
N PHE A 86 -3.01 -8.74 -1.12
CA PHE A 86 -1.82 -8.81 0.13
CA PHE A 86 -2.38 -8.86 0.19
C PHE A 86 -2.57 -9.84 0.96
C PHE A 86 -3.12 -9.88 1.06
N ASN A 87 -3.90 -9.74 0.99
N ASN A 87 -4.45 -9.81 1.09
CA ASN A 87 -4.67 -10.67 1.81
CA ASN A 87 -5.22 -10.81 1.81
C ASN A 87 -4.53 -12.10 1.29
C ASN A 87 -4.94 -12.20 1.27
N ALA A 88 -4.64 -12.31 -0.02
CA ALA A 88 -4.35 -13.62 -0.59
C ALA A 88 -2.96 -14.12 -0.17
N MET A 89 -2.00 -13.22 -0.10
CA MET A 89 -0.64 -13.58 0.32
C MET A 89 -0.64 -14.08 1.76
N VAL A 90 -1.33 -13.35 2.64
CA VAL A 90 -1.47 -13.75 4.02
C VAL A 90 -2.10 -15.13 4.12
N ALA A 91 -3.13 -15.39 3.31
CA ALA A 91 -3.76 -16.73 3.32
C ALA A 91 -2.80 -17.81 2.85
N ALA A 92 -2.00 -17.50 1.83
CA ALA A 92 -1.00 -18.44 1.33
C ALA A 92 0.03 -18.75 2.39
N PHE A 93 0.41 -17.78 3.20
CA PHE A 93 1.34 -18.02 4.30
C PHE A 93 0.71 -18.94 5.35
N LYS A 94 -0.51 -18.63 5.76
N LYS A 94 -0.54 -18.66 5.73
CA LYS A 94 -1.25 -19.48 6.69
CA LYS A 94 -1.25 -19.48 6.69
C LYS A 94 -1.29 -20.92 6.19
C LYS A 94 -1.40 -20.92 6.21
N ASN A 95 -1.60 -21.10 4.90
CA ASN A 95 -1.79 -22.43 4.31
C ASN A 95 -0.50 -23.16 4.00
N GLY A 96 0.67 -22.51 4.14
CA GLY A 96 1.94 -23.10 3.75
C GLY A 96 2.17 -23.23 2.26
N ASP A 97 1.54 -22.39 1.46
CA ASP A 97 1.65 -22.48 0.00
C ASP A 97 2.68 -21.46 -0.47
N ASP A 98 3.96 -21.89 -0.49
CA ASP A 98 5.02 -20.96 -0.85
C ASP A 98 4.96 -20.55 -2.30
N ASP A 99 4.44 -21.43 -3.17
CA ASP A 99 4.27 -21.09 -4.58
C ASP A 99 3.29 -19.93 -4.74
N SER A 100 2.14 -20.03 -4.10
CA SER A 100 1.19 -18.92 -4.19
C SER A 100 1.74 -17.68 -3.50
N PHE A 101 2.47 -17.85 -2.38
CA PHE A 101 3.04 -16.69 -1.70
C PHE A 101 3.96 -15.91 -2.63
N GLU A 102 4.88 -16.61 -3.30
CA GLU A 102 5.79 -15.99 -4.25
C GLU A 102 5.02 -15.25 -5.34
N SER A 103 4.00 -15.90 -5.91
CA SER A 103 3.21 -15.29 -6.97
C SER A 103 2.58 -13.97 -6.50
N TYR A 104 1.85 -14.03 -5.39
CA TYR A 104 1.19 -12.84 -4.89
C TYR A 104 2.20 -11.75 -4.53
N LEU A 105 3.37 -12.13 -4.02
N LEU A 105 3.37 -12.14 -4.01
CA LEU A 105 4.36 -11.13 -3.62
CA LEU A 105 4.38 -11.16 -3.63
C LEU A 105 4.85 -10.34 -4.83
C LEU A 105 4.83 -10.35 -4.84
N GLN A 106 5.14 -11.05 -5.93
N GLN A 106 5.14 -11.03 -5.95
CA GLN A 106 5.56 -10.39 -7.16
CA GLN A 106 5.50 -10.34 -7.18
C GLN A 106 4.45 -9.52 -7.73
C GLN A 106 4.35 -9.47 -7.67
N ALA A 107 3.22 -10.04 -7.73
N ALA A 107 3.11 -9.90 -7.43
CA ALA A 107 2.10 -9.25 -8.21
CA ALA A 107 1.95 -9.11 -7.84
C ALA A 107 1.95 -7.97 -7.41
C ALA A 107 1.87 -7.80 -7.07
N LEU A 108 2.07 -8.06 -6.09
N LEU A 108 2.21 -7.82 -5.79
CA LEU A 108 1.91 -6.87 -5.24
CA LEU A 108 2.15 -6.58 -5.00
C LEU A 108 2.98 -5.84 -5.57
C LEU A 108 3.27 -5.62 -5.38
N GLU A 109 4.22 -6.31 -5.78
N GLU A 109 4.38 -6.14 -5.89
CA GLU A 109 5.29 -5.42 -6.19
CA GLU A 109 5.44 -5.27 -6.40
C GLU A 109 4.96 -4.71 -7.50
C GLU A 109 4.99 -4.53 -7.66
N LYS A 110 4.39 -5.43 -8.47
N LYS A 110 4.15 -5.16 -8.48
CA LYS A 110 4.15 -4.83 -9.78
CA LYS A 110 3.63 -4.45 -9.66
C LYS A 110 2.96 -3.88 -9.74
C LYS A 110 2.59 -3.42 -9.25
N VAL A 111 1.89 -4.23 -9.01
N VAL A 111 1.78 -3.71 -8.23
CA VAL A 111 0.78 -3.29 -8.83
CA VAL A 111 0.75 -2.76 -7.80
C VAL A 111 1.28 -2.02 -8.17
C VAL A 111 1.42 -1.48 -7.30
N THR A 112 2.19 -2.14 -7.21
N THR A 112 2.47 -1.62 -6.50
CA THR A 112 2.68 -0.99 -6.48
CA THR A 112 3.19 -0.46 -6.01
C THR A 112 3.53 -0.08 -7.37
C THR A 112 3.94 0.27 -7.12
N ALA A 113 4.48 -0.66 -8.09
N ALA A 113 4.55 -0.49 -8.04
CA ALA A 113 5.33 0.15 -8.96
CA ALA A 113 5.33 0.13 -9.10
C ALA A 113 4.50 0.87 -10.02
C ALA A 113 4.43 0.88 -10.09
N LYS A 114 3.44 0.23 -10.52
N LYS A 114 3.37 0.22 -10.56
CA LYS A 114 2.59 0.86 -11.52
CA LYS A 114 2.52 0.83 -11.57
C LYS A 114 1.91 2.09 -10.94
C LYS A 114 1.79 2.06 -11.06
N GLY A 115 1.41 2.00 -9.73
N GLY A 115 1.61 2.18 -9.75
CA GLY A 115 0.66 3.10 -9.13
CA GLY A 115 0.84 3.27 -9.20
C GLY A 115 1.51 4.25 -8.66
C GLY A 115 1.61 4.48 -8.74
N GLU A 116 2.79 4.33 -9.06
N GLU A 116 2.94 4.48 -8.85
CA GLU A 116 3.67 5.33 -8.47
CA GLU A 116 3.69 5.58 -8.23
C GLU A 116 3.57 6.67 -9.18
C GLU A 116 3.58 6.87 -9.03
N THR A 117 3.42 6.69 -10.50
N THR A 117 3.43 6.79 -10.35
CA THR A 117 3.23 7.97 -11.16
CA THR A 117 3.23 8.00 -11.13
C THR A 117 1.96 8.65 -10.64
C THR A 117 1.92 8.69 -10.76
N LEU A 118 0.88 7.90 -10.50
CA LEU A 118 -0.38 8.47 -9.99
C LEU A 118 -0.20 9.02 -8.58
N ALA A 119 0.53 8.30 -7.72
CA ALA A 119 0.79 8.78 -6.37
C ALA A 119 1.44 10.16 -6.38
N ASP A 120 2.43 10.37 -7.26
N ASP A 120 2.43 10.36 -7.26
CA ASP A 120 3.07 11.67 -7.33
CA ASP A 120 3.07 11.66 -7.34
C ASP A 120 2.13 12.73 -7.89
C ASP A 120 2.16 12.71 -7.97
N GLN A 121 1.31 12.36 -8.89
N GLN A 121 1.32 12.30 -8.94
CA GLN A 121 0.36 13.31 -9.45
CA GLN A 121 0.32 13.22 -9.48
C GLN A 121 -0.62 13.81 -8.41
C GLN A 121 -0.54 13.81 -8.37
N ILE A 122 -1.01 12.95 -7.46
CA ILE A 122 -1.94 13.40 -6.43
C ILE A 122 -1.30 14.48 -5.56
N ALA A 123 -0.04 14.31 -5.18
CA ALA A 123 0.60 15.33 -4.35
C ALA A 123 0.51 16.71 -5.00
N LYS A 124 0.71 16.75 -6.32
N LYS A 124 0.72 16.75 -6.32
CA LYS A 124 0.73 18.02 -7.04
CA LYS A 124 0.72 18.03 -7.03
C LYS A 124 -0.67 18.60 -7.21
C LYS A 124 -0.68 18.61 -7.13
N ALA A 125 -1.70 17.75 -7.21
CA ALA A 125 -3.06 18.20 -7.48
C ALA A 125 -3.79 18.71 -6.24
N LEU A 126 -3.40 18.25 -5.05
N LEU A 126 -3.39 18.26 -5.05
CA LEU A 126 -4.17 18.54 -3.86
CA LEU A 126 -4.09 18.63 -3.82
C LEU A 126 -4.08 20.01 -3.44
C LEU A 126 -3.80 20.06 -3.41
#